data_3QDR
#
_entry.id   3QDR
#
_cell.length_a   47.497
_cell.length_b   119.624
_cell.length_c   30.147
_cell.angle_alpha   90.00
_cell.angle_beta   90.00
_cell.angle_gamma   90.00
#
_symmetry.space_group_name_H-M   'P 21 21 2'
#
loop_
_entity.id
_entity.type
_entity.pdbx_description
1 polymer 'Protein tolA'
2 polymer Colicin-A
3 non-polymer 2-AMINO-2-HYDROXYMETHYL-PROPANE-1,3-DIOL
4 water water
#
loop_
_entity_poly.entity_id
_entity_poly.type
_entity_poly.pdbx_seq_one_letter_code
_entity_poly.pdbx_strand_id
1 'polypeptide(L)'
;HHHHHHMSSGKNAPKTGGGAKGNNASPAGSGNTKNNGASGADINNYAGQIKSAIES(MLY)FYDASSYAGKTCTLRIKLA
PDGMLLDIKPEGGDPALCQAALAAAKLAKIPKPPSQAVYEVFKNAPLDFKP
;
A
2 'polypeptide(L)' GSKPGDSYNTPWGKVIINAAGQPTMNGTVMTADNSSMVPYGRGFTRVLNSLVNNPVSHHHHHH B
#
# COMPACT_ATOMS: atom_id res chain seq x y z
N ASN A 35 -5.73 -0.24 -27.57
CA ASN A 35 -5.05 -1.03 -26.55
C ASN A 35 -4.96 -0.43 -25.16
N ASN A 36 -3.85 0.29 -24.94
CA ASN A 36 -3.45 0.85 -23.65
C ASN A 36 -4.11 2.16 -23.69
N GLY A 37 -5.21 2.18 -24.44
CA GLY A 37 -5.89 3.41 -24.71
C GLY A 37 -6.45 4.08 -23.49
N ALA A 38 -5.79 5.17 -23.13
CA ALA A 38 -6.22 5.98 -22.02
C ALA A 38 -5.98 5.34 -20.62
N SER A 39 -5.12 4.32 -20.54
CA SER A 39 -4.82 3.65 -19.28
C SER A 39 -3.71 4.38 -18.54
N GLY A 40 -2.75 4.83 -19.34
CA GLY A 40 -1.56 5.58 -18.94
C GLY A 40 -1.87 6.80 -18.11
N ALA A 41 -2.76 7.66 -18.63
CA ALA A 41 -3.20 8.88 -17.94
C ALA A 41 -3.87 8.62 -16.59
N ASP A 42 -4.75 7.62 -16.55
CA ASP A 42 -5.41 7.25 -15.30
C ASP A 42 -4.43 6.73 -14.27
N ILE A 43 -3.39 6.05 -14.73
CA ILE A 43 -2.40 5.41 -13.86
C ILE A 43 -1.51 6.45 -13.22
N ASN A 44 -1.08 7.42 -14.02
CA ASN A 44 -0.31 8.53 -13.51
C ASN A 44 -1.10 9.31 -12.50
N ASN A 45 -2.35 9.56 -12.86
CA ASN A 45 -3.31 10.23 -12.03
C ASN A 45 -3.49 9.56 -10.68
N TYR A 46 -3.66 8.24 -10.70
CA TYR A 46 -3.98 7.50 -9.49
C TYR A 46 -2.77 7.48 -8.55
N ALA A 47 -1.58 7.40 -9.13
CA ALA A 47 -0.31 7.47 -8.41
C ALA A 47 -0.23 8.76 -7.61
N GLY A 48 -0.62 9.85 -8.25
CA GLY A 48 -0.51 11.19 -7.68
C GLY A 48 -1.54 11.36 -6.62
N GLN A 49 -2.52 10.47 -6.62
CA GLN A 49 -3.60 10.55 -5.66
C GLN A 49 -3.21 9.75 -4.42
N ILE A 50 -2.45 8.66 -4.64
CA ILE A 50 -1.83 7.93 -3.54
C ILE A 50 -0.84 8.85 -2.82
N LYS A 51 -0.01 9.54 -3.58
CA LYS A 51 0.96 10.45 -2.99
C LYS A 51 0.28 11.45 -2.07
N SER A 52 -0.76 12.12 -2.58
CA SER A 52 -1.43 13.14 -1.79
C SER A 52 -2.16 12.59 -0.54
N ALA A 53 -2.64 11.35 -0.59
CA ALA A 53 -3.28 10.72 0.60
C ALA A 53 -2.28 10.38 1.73
N ILE A 54 -1.07 9.98 1.31
CA ILE A 54 0.01 9.63 2.22
C ILE A 54 0.46 10.94 2.81
N GLU A 55 0.69 11.92 1.91
CA GLU A 55 1.16 13.23 2.33
C GLU A 55 0.23 13.93 3.32
N SER A 56 -1.08 13.75 3.15
CA SER A 56 -2.04 14.43 4.01
C SER A 56 -1.94 13.97 5.45
N PHE A 58 1.01 13.29 7.16
CA PHE A 58 2.23 13.83 7.77
C PHE A 58 1.98 14.90 8.88
N TYR A 59 2.72 14.80 9.96
CA TYR A 59 2.66 15.80 11.00
C TYR A 59 3.37 17.07 10.60
N ASP A 60 4.49 16.87 9.88
CA ASP A 60 5.44 17.90 9.50
C ASP A 60 6.00 17.66 8.08
N ALA A 61 5.11 17.64 7.09
CA ALA A 61 5.48 17.36 5.69
C ALA A 61 6.49 18.33 5.08
N SER A 62 6.72 19.47 5.72
CA SER A 62 7.66 20.46 5.17
C SER A 62 9.11 20.23 5.61
N SER A 63 9.33 19.33 6.58
CA SER A 63 10.68 18.98 7.03
C SER A 63 11.41 18.09 6.02
N TYR A 64 10.69 17.67 4.98
CA TYR A 64 11.20 16.68 4.04
C TYR A 64 11.15 17.17 2.61
N ALA A 65 11.04 18.48 2.44
CA ALA A 65 10.63 19.13 1.20
C ALA A 65 11.36 18.70 -0.09
N GLY A 66 12.68 18.64 -0.08
CA GLY A 66 13.38 18.22 -1.31
C GLY A 66 13.68 16.74 -1.45
N LYS A 67 13.36 15.97 -0.40
CA LYS A 67 13.79 14.57 -0.33
C LYS A 67 12.86 13.67 -1.14
N THR A 68 13.38 12.52 -1.57
CA THR A 68 12.63 11.54 -2.35
C THR A 68 12.67 10.17 -1.68
N CYS A 69 11.49 9.47 -1.82
CA CYS A 69 11.38 8.16 -1.24
C CYS A 69 10.72 7.31 -2.30
N THR A 70 11.18 6.04 -2.46
CA THR A 70 10.49 5.10 -3.35
C THR A 70 9.81 4.04 -2.50
N LEU A 71 8.50 3.91 -2.63
CA LEU A 71 7.73 2.96 -1.83
C LEU A 71 7.16 1.97 -2.78
N ARG A 72 7.18 0.70 -2.41
CA ARG A 72 6.53 -0.34 -3.16
C ARG A 72 5.21 -0.70 -2.49
N ILE A 73 4.10 -0.50 -3.19
CA ILE A 73 2.77 -0.63 -2.57
C ILE A 73 1.95 -1.74 -3.15
N LYS A 74 1.19 -2.39 -2.29
CA LYS A 74 0.22 -3.40 -2.69
C LYS A 74 -1.11 -3.00 -2.10
N LEU A 75 -2.11 -2.78 -2.97
CA LEU A 75 -3.45 -2.38 -2.57
C LEU A 75 -4.50 -3.40 -2.96
N ALA A 76 -5.57 -3.47 -2.18
CA ALA A 76 -6.64 -4.43 -2.40
C ALA A 76 -7.52 -3.88 -3.54
N PRO A 77 -8.56 -4.62 -3.97
CA PRO A 77 -9.30 -4.06 -5.07
C PRO A 77 -9.95 -2.73 -4.75
N ASP A 78 -10.07 -2.38 -3.47
CA ASP A 78 -10.79 -1.15 -3.09
C ASP A 78 -9.91 -0.03 -2.51
N GLY A 79 -8.58 -0.18 -2.58
CA GLY A 79 -7.66 0.87 -2.20
C GLY A 79 -7.07 0.66 -0.82
N MET A 80 -7.49 -0.41 -0.15
CA MET A 80 -6.99 -0.73 1.17
C MET A 80 -5.56 -1.21 1.11
N LEU A 81 -4.72 -0.70 2.00
CA LEU A 81 -3.30 -1.07 2.04
C LEU A 81 -3.14 -2.53 2.38
N LEU A 82 -2.27 -3.20 1.64
CA LEU A 82 -1.98 -4.59 1.91
C LEU A 82 -0.53 -4.82 2.34
N ASP A 83 0.41 -4.20 1.63
CA ASP A 83 1.83 -4.38 1.89
C ASP A 83 2.53 -3.11 1.41
N ILE A 84 3.52 -2.66 2.17
CA ILE A 84 4.25 -1.43 1.88
C ILE A 84 5.70 -1.64 2.32
N LYS A 85 6.65 -1.23 1.48
CA LYS A 85 8.08 -1.38 1.77
C LYS A 85 8.88 -0.31 0.99
N PRO A 86 10.03 0.18 1.51
CA PRO A 86 10.75 1.21 0.73
C PRO A 86 11.76 0.57 -0.21
N GLU A 87 12.11 1.27 -1.28
CA GLU A 87 13.00 0.72 -2.30
C GLU A 87 14.04 1.72 -2.83
N GLY A 88 14.33 2.77 -2.07
CA GLY A 88 15.30 3.79 -2.46
C GLY A 88 15.00 5.12 -1.77
N GLY A 89 15.99 6.02 -1.72
CA GLY A 89 15.80 7.36 -1.17
C GLY A 89 16.17 7.57 0.30
N ASP A 90 15.72 8.71 0.85
CA ASP A 90 16.08 9.18 2.18
C ASP A 90 15.49 8.32 3.30
N PRO A 91 16.34 7.76 4.19
CA PRO A 91 15.82 6.91 5.29
C PRO A 91 14.84 7.60 6.24
N ALA A 92 15.06 8.88 6.53
CA ALA A 92 14.19 9.61 7.43
C ALA A 92 12.79 9.75 6.78
N LEU A 93 12.77 10.23 5.53
CA LEU A 93 11.54 10.38 4.74
C LEU A 93 10.82 9.04 4.49
N CYS A 94 11.58 8.03 4.06
CA CYS A 94 11.03 6.69 3.90
C CYS A 94 10.28 6.23 5.14
N GLN A 95 10.86 6.53 6.31
CA GLN A 95 10.31 6.20 7.63
C GLN A 95 8.97 6.89 7.98
N ALA A 96 8.89 8.18 7.76
CA ALA A 96 7.71 8.96 8.07
C ALA A 96 6.60 8.63 7.08
N ALA A 97 7.01 8.35 5.85
CA ALA A 97 6.14 8.03 4.74
C ALA A 97 5.52 6.64 4.89
N LEU A 98 6.10 5.82 5.75
CA LEU A 98 5.51 4.50 6.00
C LEU A 98 4.50 4.59 7.14
N ALA A 99 4.80 5.52 8.06
CA ALA A 99 3.94 5.82 9.19
C ALA A 99 2.65 6.45 8.70
N ALA A 100 2.78 7.33 7.71
CA ALA A 100 1.65 8.02 7.08
C ALA A 100 0.88 7.08 6.17
N ALA A 101 1.59 6.13 5.57
CA ALA A 101 0.93 5.16 4.72
C ALA A 101 0.00 4.26 5.53
N LYS A 102 0.35 4.00 6.78
CA LYS A 102 -0.51 3.22 7.69
C LYS A 102 -1.87 3.84 7.92
N LEU A 103 -1.97 5.15 7.68
CA LEU A 103 -3.12 5.94 8.06
C LEU A 103 -3.96 6.47 6.88
N ALA A 104 -3.32 6.80 5.77
CA ALA A 104 -3.98 7.32 4.56
C ALA A 104 -5.31 6.62 4.15
N LYS A 105 -6.25 7.37 3.58
CA LYS A 105 -7.40 6.70 2.98
C LYS A 105 -7.19 6.79 1.49
N ILE A 106 -6.94 5.65 0.90
CA ILE A 106 -6.52 5.61 -0.48
C ILE A 106 -7.77 5.32 -1.28
N PRO A 107 -7.96 6.10 -2.38
CA PRO A 107 -9.22 5.99 -3.12
C PRO A 107 -9.23 4.71 -3.91
N LYS A 108 -10.45 4.28 -4.22
CA LYS A 108 -10.74 3.06 -4.94
C LYS A 108 -10.20 3.13 -6.38
N PRO A 109 -9.49 2.09 -6.85
CA PRO A 109 -9.03 2.12 -8.24
C PRO A 109 -10.18 2.34 -9.22
N PRO A 110 -10.04 3.28 -10.16
CA PRO A 110 -11.21 3.62 -11.01
C PRO A 110 -11.34 2.79 -12.30
N SER A 111 -10.70 1.63 -12.31
CA SER A 111 -10.47 0.91 -13.55
C SER A 111 -9.75 -0.41 -13.31
N GLN A 112 -10.00 -1.37 -14.19
CA GLN A 112 -9.33 -2.67 -14.10
CA GLN A 112 -9.34 -2.67 -14.14
C GLN A 112 -7.81 -2.51 -14.31
N ALA A 113 -7.44 -1.70 -15.31
CA ALA A 113 -6.05 -1.50 -15.69
C ALA A 113 -5.26 -0.91 -14.52
N VAL A 114 -5.83 0.10 -13.86
CA VAL A 114 -5.21 0.78 -12.73
C VAL A 114 -5.02 -0.18 -11.56
N TYR A 115 -6.06 -0.93 -11.17
CA TYR A 115 -5.90 -1.91 -10.10
C TYR A 115 -4.87 -2.98 -10.49
N GLU A 116 -4.82 -3.29 -11.78
CA GLU A 116 -3.85 -4.24 -12.28
C GLU A 116 -2.45 -3.76 -11.98
N VAL A 117 -2.23 -2.46 -12.17
CA VAL A 117 -0.94 -1.87 -11.84
C VAL A 117 -0.73 -1.76 -10.32
N PHE A 118 -1.71 -1.24 -9.59
CA PHE A 118 -1.48 -0.96 -8.17
C PHE A 118 -1.77 -2.05 -7.16
N LYS A 119 -2.08 -3.26 -7.60
CA LYS A 119 -1.98 -4.42 -6.69
C LYS A 119 -0.50 -4.67 -6.35
N ASN A 120 0.43 -4.16 -7.15
CA ASN A 120 1.86 -4.20 -6.89
C ASN A 120 2.41 -3.10 -7.75
N ALA A 121 3.02 -2.10 -7.18
CA ALA A 121 3.73 -1.07 -7.94
C ALA A 121 4.56 -0.11 -7.08
N PRO A 122 5.73 0.23 -7.58
CA PRO A 122 6.62 1.21 -6.98
C PRO A 122 6.22 2.67 -7.27
N LEU A 123 6.38 3.53 -6.27
CA LEU A 123 5.91 4.91 -6.36
C LEU A 123 6.95 5.87 -5.79
N ASP A 124 7.31 6.91 -6.54
CA ASP A 124 8.22 7.93 -6.04
C ASP A 124 7.44 8.93 -5.19
N PHE A 125 7.75 9.07 -3.91
CA PHE A 125 6.99 9.99 -3.07
C PHE A 125 7.86 11.20 -2.76
N LYS A 126 7.36 12.41 -3.07
CA LYS A 126 8.17 13.63 -2.92
C LYS A 126 7.35 14.78 -2.29
N PRO A 127 7.47 14.97 -0.97
CA PRO A 127 6.72 16.01 -0.28
C PRO A 127 6.73 17.40 -0.97
N SER B 7 -3.85 -13.41 -3.43
CA SER B 7 -2.78 -14.02 -4.29
C SER B 7 -1.31 -14.00 -3.77
N TYR B 8 -1.07 -13.86 -2.47
CA TYR B 8 0.31 -13.93 -1.92
C TYR B 8 0.44 -14.54 -0.51
N ASN B 9 1.65 -14.60 0.04
CA ASN B 9 1.89 -15.00 1.44
C ASN B 9 3.04 -14.37 2.25
N THR B 10 2.83 -14.19 3.56
CA THR B 10 3.89 -13.67 4.44
C THR B 10 4.28 -14.70 5.51
N PRO B 11 5.28 -14.38 6.33
CA PRO B 11 5.72 -15.31 7.39
C PRO B 11 4.56 -15.77 8.29
N TRP B 12 3.45 -15.04 8.22
CA TRP B 12 2.24 -15.31 9.00
C TRP B 12 1.16 -15.97 8.14
N GLY B 13 1.43 -16.27 6.88
CA GLY B 13 0.36 -16.81 6.05
C GLY B 13 0.19 -16.39 4.59
N LYS B 14 -0.96 -16.72 4.01
CA LYS B 14 -1.24 -16.48 2.60
C LYS B 14 -2.42 -15.54 2.41
N VAL B 15 -2.27 -14.58 1.50
CA VAL B 15 -3.34 -13.60 1.25
C VAL B 15 -3.97 -13.88 -0.10
N ILE B 16 -5.29 -14.08 -0.12
CA ILE B 16 -5.93 -14.40 -1.36
C ILE B 16 -7.07 -13.44 -1.66
N ILE B 17 -7.32 -13.15 -2.92
CA ILE B 17 -8.30 -12.13 -3.23
C ILE B 17 -9.75 -12.47 -3.43
N ASN B 18 -10.17 -13.55 -2.85
CA ASN B 18 -11.55 -13.80 -2.77
C ASN B 18 -12.25 -13.83 -4.07
N ALA B 19 -13.30 -13.08 -4.08
CA ALA B 19 -14.17 -12.91 -5.22
C ALA B 19 -15.11 -11.86 -4.70
N ALA B 20 -15.72 -11.05 -5.55
CA ALA B 20 -16.27 -9.80 -5.00
C ALA B 20 -15.13 -8.94 -4.43
N GLY B 21 -13.89 -9.45 -4.56
CA GLY B 21 -12.66 -8.69 -4.33
C GLY B 21 -12.25 -8.31 -2.92
N GLN B 22 -12.49 -9.20 -1.96
CA GLN B 22 -12.06 -8.92 -0.59
C GLN B 22 -10.76 -9.63 -0.31
N PRO B 23 -9.83 -8.97 0.42
CA PRO B 23 -8.61 -9.67 0.83
C PRO B 23 -8.92 -10.63 1.97
N THR B 24 -8.54 -11.90 1.78
CA THR B 24 -8.77 -12.92 2.78
C THR B 24 -7.45 -13.51 3.26
N MET B 25 -7.45 -14.03 4.49
CA MET B 25 -6.28 -14.67 5.07
C MET B 25 -6.74 -15.81 5.98
N ASN B 26 -6.27 -17.03 5.69
CA ASN B 26 -6.82 -18.26 6.29
C ASN B 26 -8.28 -18.39 5.89
N GLY B 27 -8.61 -17.90 4.70
CA GLY B 27 -9.99 -17.81 4.26
C GLY B 27 -10.82 -16.76 4.99
N THR B 28 -10.15 -15.91 5.77
CA THR B 28 -10.83 -14.80 6.48
C THR B 28 -10.74 -13.45 5.74
N VAL B 29 -11.89 -12.86 5.46
CA VAL B 29 -11.93 -11.56 4.79
C VAL B 29 -11.47 -10.47 5.75
N MET B 30 -10.16 -10.26 5.82
CA MET B 30 -9.60 -9.27 6.74
C MET B 30 -10.02 -7.85 6.40
N THR B 31 -10.44 -7.13 7.45
CA THR B 31 -10.89 -5.75 7.35
C THR B 31 -9.92 -4.82 8.03
N ALA B 32 -10.27 -3.54 8.07
CA ALA B 32 -9.49 -2.55 8.79
C ALA B 32 -9.65 -2.77 10.28
N ASP B 33 -10.46 -3.78 10.64
CA ASP B 33 -10.87 -3.98 12.03
C ASP B 33 -10.25 -5.21 12.69
N ASN B 34 -10.11 -6.30 11.94
CA ASN B 34 -9.33 -7.45 12.43
C ASN B 34 -7.95 -7.51 11.83
N SER B 35 -7.62 -6.46 11.07
CA SER B 35 -6.35 -6.37 10.40
C SER B 35 -5.55 -5.18 10.95
N SER B 36 -4.24 -5.37 11.08
CA SER B 36 -3.34 -4.28 11.43
C SER B 36 -2.10 -4.36 10.53
N MET B 37 -1.24 -3.36 10.62
CA MET B 37 -0.04 -3.34 9.81
C MET B 37 1.14 -3.70 10.70
N VAL B 38 1.84 -4.78 10.36
CA VAL B 38 2.91 -5.29 11.20
C VAL B 38 4.24 -5.24 10.48
N PRO B 39 5.30 -4.91 11.20
CA PRO B 39 6.64 -4.84 10.59
C PRO B 39 7.07 -6.15 9.90
N TYR B 40 7.97 -6.01 8.96
CA TYR B 40 8.35 -7.07 8.10
C TYR B 40 9.57 -6.37 7.57
N GLY B 41 10.72 -6.86 7.93
CA GLY B 41 12.02 -6.37 7.46
C GLY B 41 12.15 -4.86 7.51
N ARG B 42 12.17 -4.23 6.34
CA ARG B 42 12.32 -2.78 6.25
C ARG B 42 10.97 -2.10 6.07
N GLY B 43 9.90 -2.90 6.07
CA GLY B 43 8.58 -2.40 5.78
C GLY B 43 7.48 -2.97 6.65
N PHE B 44 6.24 -2.82 6.20
CA PHE B 44 5.07 -3.37 6.88
C PHE B 44 4.22 -4.20 5.93
N THR B 45 3.33 -4.97 6.53
CA THR B 45 2.48 -5.87 5.81
C THR B 45 1.34 -6.12 6.74
N ARG B 46 0.17 -6.39 6.16
CA ARG B 46 -1.05 -6.53 6.90
C ARG B 46 -1.33 -7.99 7.28
N VAL B 47 -1.69 -8.23 8.54
CA VAL B 47 -2.14 -9.56 9.00
C VAL B 47 -3.40 -9.36 9.82
N LEU B 48 -3.92 -10.38 10.51
CA LEU B 48 -5.15 -10.15 11.29
C LEU B 48 -5.19 -10.28 12.83
N ASN B 49 -5.19 -11.50 13.34
CA ASN B 49 -5.26 -11.91 14.76
C ASN B 49 -4.17 -12.89 15.07
N SER B 50 -3.03 -12.79 14.42
CA SER B 50 -1.94 -13.71 14.66
C SER B 50 -0.61 -12.96 14.76
N LEU B 51 -0.68 -11.71 15.22
CA LEU B 51 0.46 -10.77 15.30
C LEU B 51 1.65 -11.33 16.05
N VAL B 52 1.33 -12.07 17.11
CA VAL B 52 2.31 -12.89 17.78
C VAL B 52 2.01 -14.30 17.32
N ASN B 53 2.79 -14.75 16.34
CA ASN B 53 2.77 -16.10 15.84
C ASN B 53 4.18 -16.18 15.32
N ASN B 54 5.02 -16.95 16.01
CA ASN B 54 6.43 -17.03 15.70
C ASN B 54 6.74 -17.74 14.37
N PRO B 55 7.93 -17.45 13.66
CA PRO B 55 8.15 -18.42 12.57
C PRO B 55 9.35 -19.32 12.85
#